data_4AT3
#
_entry.id   4AT3
#
_cell.length_a   86.331
_cell.length_b   94.340
_cell.length_c   46.037
_cell.angle_alpha   90.00
_cell.angle_beta   90.00
_cell.angle_gamma   90.00
#
_symmetry.space_group_name_H-M   'P 21 21 2'
#
loop_
_entity.id
_entity.type
_entity.pdbx_description
1 polymer 'BDNF/NT-3 GROWTH FACTORS RECEPTOR'
2 non-polymer (5Z)-5-(carbamoylimino)-3-[(5R)-6,7,8,9-tetrahydro-5H-benzo[7]annulen-5-ylsulfanyl]-2,5-dihydroisothiazole-4-carboxamide
3 water water
#
_entity_poly.entity_id   1
_entity_poly.type   'polypeptide(L)'
_entity_poly.pdbx_seq_one_letter_code
;GAMDTFVQHIKRHNIVLKRELGEGAFGKVFLAECYNLCPEQDKILVAVKTLKDASDNARKDFHREAELLTNLQHEHIVKF
YGVCVEGDPLIMVFEYMKHGDLNKFLRAHGPDAVLMAEGNPPTELTQSQMLHIAQQIAAGMVYLASQHFVHRDLATRNCL
VGENLLVKIGDFGMSRDVYSTDYYRVGGHTMLPIRWMPPESIMYRKFTTESDVWSLGVVLWEIFTYGKQPWYQLSNNEVI
ECITQGRVLQRPRTCPQEVYELMLGCWQREPHMRKNIKGIHTLLQNLAKASPVYLDILG
;
_entity_poly.pdbx_strand_id   A
#
loop_
_chem_comp.id
_chem_comp.type
_chem_comp.name
_chem_comp.formula
LTI non-polymer (5Z)-5-(carbamoylimino)-3-[(5R)-6,7,8,9-tetrahydro-5H-benzo[7]annulen-5-ylsulfanyl]-2,5-dihydroisothiazole-4-carboxamide 'C16 H18 N4 O2 S2'
#
# COMPACT_ATOMS: atom_id res chain seq x y z
N GLY A 1 5.28 2.96 20.97
CA GLY A 1 4.97 3.01 22.40
C GLY A 1 4.60 1.67 22.98
N ALA A 2 4.95 1.47 24.25
CA ALA A 2 4.62 0.25 24.98
C ALA A 2 3.11 0.09 25.14
N MET A 3 2.43 1.22 25.32
CA MET A 3 0.99 1.28 25.47
C MET A 3 0.21 0.80 24.24
N ASP A 4 0.81 0.95 23.06
CA ASP A 4 0.17 0.54 21.82
C ASP A 4 -0.08 -0.97 21.78
N THR A 5 0.65 -1.69 22.63
CA THR A 5 0.55 -3.13 22.67
C THR A 5 -0.90 -3.52 22.89
N PHE A 6 -1.61 -2.72 23.67
CA PHE A 6 -2.98 -2.99 24.06
C PHE A 6 -4.06 -2.32 23.21
N VAL A 7 -4.97 -3.13 22.70
CA VAL A 7 -6.07 -2.71 21.81
C VAL A 7 -7.03 -1.74 22.49
N GLN A 8 -7.26 -0.59 21.82
CA GLN A 8 -8.18 0.44 22.24
C GLN A 8 -9.59 0.02 21.85
N HIS A 9 -10.50 -0.05 22.81
CA HIS A 9 -11.90 -0.39 22.57
C HIS A 9 -12.75 0.88 22.57
N ILE A 10 -13.55 1.07 21.51
CA ILE A 10 -14.40 2.24 21.30
C ILE A 10 -15.87 1.87 21.47
N LYS A 11 -16.64 2.74 22.16
CA LYS A 11 -18.08 2.55 22.39
C LYS A 11 -18.85 2.78 21.09
N ARG A 12 -19.86 1.94 20.81
CA ARG A 12 -20.68 2.04 19.59
C ARG A 12 -21.38 3.39 19.44
N HIS A 13 -21.88 3.99 20.55
CA HIS A 13 -22.56 5.29 20.53
C HIS A 13 -21.62 6.45 20.13
N ASN A 14 -20.29 6.23 20.16
CA ASN A 14 -19.30 7.23 19.80
C ASN A 14 -18.90 7.15 18.32
N ILE A 15 -19.53 6.23 17.56
CA ILE A 15 -19.28 6.03 16.12
C ILE A 15 -20.57 6.34 15.35
N VAL A 16 -20.51 7.32 14.42
CA VAL A 16 -21.64 7.68 13.58
C VAL A 16 -21.22 7.46 12.12
N LEU A 17 -21.76 6.41 11.51
CA LEU A 17 -21.44 6.08 10.13
C LEU A 17 -22.12 7.10 9.22
N LYS A 18 -21.32 7.75 8.38
CA LYS A 18 -21.80 8.77 7.48
C LYS A 18 -22.14 8.38 6.03
N ARG A 19 -21.27 7.63 5.38
CA ARG A 19 -21.45 7.19 4.01
C ARG A 19 -20.41 6.13 3.66
N GLU A 20 -20.57 5.49 2.50
CA GLU A 20 -19.63 4.47 2.08
C GLU A 20 -18.33 5.11 1.57
N LEU A 21 -17.24 4.39 1.71
CA LEU A 21 -15.94 4.84 1.29
C LEU A 21 -15.34 3.75 0.41
N GLY A 22 -14.75 4.11 -0.72
CA GLY A 22 -14.15 3.15 -1.62
C GLY A 22 -15.21 2.40 -2.41
N GLU A 23 -14.82 1.35 -3.14
CA GLU A 23 -15.81 0.60 -3.91
C GLU A 23 -16.75 -0.30 -3.12
N GLY A 24 -16.17 -1.18 -2.31
CA GLY A 24 -14.73 -1.32 -2.26
C GLY A 24 -14.14 -2.72 -2.16
N ALA A 25 -12.86 -2.77 -2.45
CA ALA A 25 -12.02 -3.95 -2.39
C ALA A 25 -11.81 -4.45 -0.98
N PHE A 26 -11.99 -3.57 0.01
CA PHE A 26 -11.83 -3.95 1.39
C PHE A 26 -13.15 -4.24 2.08
N GLY A 27 -14.14 -4.62 1.30
CA GLY A 27 -15.42 -4.91 1.88
C GLY A 27 -16.13 -3.63 2.19
N LYS A 28 -17.06 -3.65 3.12
CA LYS A 28 -17.74 -2.43 3.40
C LYS A 28 -16.94 -1.56 4.34
N VAL A 29 -16.61 -0.41 3.80
CA VAL A 29 -15.85 0.58 4.50
C VAL A 29 -16.68 1.84 4.47
N PHE A 30 -16.75 2.47 5.61
CA PHE A 30 -17.53 3.68 5.80
C PHE A 30 -16.70 4.86 6.29
N LEU A 31 -17.13 6.07 5.92
CA LEU A 31 -16.58 7.30 6.45
C LEU A 31 -17.45 7.54 7.68
N ALA A 32 -16.82 7.78 8.83
CA ALA A 32 -17.55 7.95 10.08
C ALA A 32 -17.02 9.07 10.96
N GLU A 33 -17.88 9.55 11.87
CA GLU A 33 -17.52 10.55 12.87
C GLU A 33 -17.25 9.79 14.15
N CYS A 34 -16.07 10.01 14.77
CA CYS A 34 -15.72 9.35 16.01
C CYS A 34 -15.57 10.35 17.15
N TYR A 35 -16.40 10.19 18.19
CA TYR A 35 -16.46 11.07 19.35
C TYR A 35 -15.66 10.51 20.53
N ASN A 36 -15.13 11.41 21.38
CA ASN A 36 -14.36 11.09 22.60
C ASN A 36 -13.12 10.20 22.37
N LEU A 37 -12.51 10.33 21.18
CA LEU A 37 -11.30 9.61 20.79
C LEU A 37 -10.13 10.61 20.75
N CYS A 38 -10.38 11.82 20.17
CA CYS A 38 -9.47 12.94 20.01
C CYS A 38 -8.13 12.62 19.33
N LYS A 43 -15.01 15.75 18.00
CA LYS A 43 -15.15 14.67 17.03
C LYS A 43 -14.13 14.74 15.90
N ILE A 44 -13.78 13.58 15.32
CA ILE A 44 -12.86 13.46 14.19
C ILE A 44 -13.44 12.53 13.13
N LEU A 45 -13.00 12.70 11.87
CA LEU A 45 -13.41 11.83 10.78
C LEU A 45 -12.50 10.61 10.81
N VAL A 46 -13.08 9.42 10.62
CA VAL A 46 -12.37 8.14 10.62
C VAL A 46 -12.92 7.24 9.50
N ALA A 47 -12.18 6.16 9.20
CA ALA A 47 -12.62 5.14 8.26
C ALA A 47 -12.95 3.90 9.07
N VAL A 48 -14.13 3.33 8.83
CA VAL A 48 -14.61 2.15 9.55
C VAL A 48 -14.69 0.94 8.63
N LYS A 49 -14.07 -0.18 9.05
CA LYS A 49 -14.06 -1.46 8.36
C LYS A 49 -14.89 -2.44 9.21
N THR A 50 -15.88 -3.10 8.59
CA THR A 50 -16.76 -4.05 9.29
C THR A 50 -16.40 -5.52 9.01
N LEU A 51 -16.73 -6.41 9.98
CA LEU A 51 -16.47 -7.85 9.89
C LEU A 51 -17.70 -8.64 10.35
N ALA A 54 -18.48 -12.49 12.99
CA ALA A 54 -19.76 -13.19 13.04
C ALA A 54 -19.58 -14.73 13.02
N SER A 55 -18.59 -15.23 13.79
CA SER A 55 -18.21 -16.65 13.97
C SER A 55 -17.14 -16.73 15.06
N ASP A 56 -17.19 -17.79 15.91
CA ASP A 56 -16.27 -18.01 17.02
C ASP A 56 -14.78 -17.93 16.61
N ASN A 57 -14.41 -18.57 15.48
CA ASN A 57 -13.04 -18.55 14.95
C ASN A 57 -12.71 -17.22 14.27
N ALA A 58 -13.70 -16.61 13.58
CA ALA A 58 -13.54 -15.33 12.88
C ALA A 58 -13.34 -14.17 13.86
N ARG A 59 -14.00 -14.23 15.04
CA ARG A 59 -13.87 -13.23 16.09
C ARG A 59 -12.50 -13.36 16.76
N LYS A 60 -11.98 -14.60 16.87
CA LYS A 60 -10.66 -14.92 17.44
C LYS A 60 -9.57 -14.31 16.53
N ASP A 61 -9.74 -14.44 15.21
CA ASP A 61 -8.83 -13.90 14.20
C ASP A 61 -8.92 -12.37 14.16
N PHE A 62 -10.12 -11.82 14.42
CA PHE A 62 -10.39 -10.37 14.46
C PHE A 62 -9.53 -9.72 15.55
N HIS A 63 -9.57 -10.27 16.80
CA HIS A 63 -8.78 -9.76 17.91
C HIS A 63 -7.28 -9.96 17.68
N ARG A 64 -6.91 -11.09 17.02
CA ARG A 64 -5.53 -11.39 16.64
C ARG A 64 -5.03 -10.30 15.68
N GLU A 65 -5.87 -9.95 14.68
CA GLU A 65 -5.59 -8.91 13.68
C GLU A 65 -5.51 -7.55 14.36
N ALA A 66 -6.43 -7.25 15.31
CA ALA A 66 -6.46 -6.00 16.06
C ALA A 66 -5.19 -5.84 16.90
N GLU A 67 -4.71 -6.95 17.53
CA GLU A 67 -3.49 -6.96 18.34
C GLU A 67 -2.23 -6.73 17.51
N LEU A 68 -2.25 -7.16 16.25
CA LEU A 68 -1.15 -6.96 15.30
C LEU A 68 -1.13 -5.51 14.83
N LEU A 69 -2.30 -4.99 14.40
CA LEU A 69 -2.46 -3.62 13.90
C LEU A 69 -2.18 -2.54 14.95
N THR A 70 -2.56 -2.77 16.22
CA THR A 70 -2.32 -1.80 17.29
C THR A 70 -0.83 -1.52 17.52
N ASN A 71 0.02 -2.54 17.37
CA ASN A 71 1.47 -2.48 17.57
C ASN A 71 2.24 -1.83 16.42
N LEU A 72 1.70 -1.85 15.19
CA LEU A 72 2.34 -1.24 14.03
C LEU A 72 1.94 0.24 13.93
N GLN A 73 2.77 1.12 14.52
CA GLN A 73 2.54 2.57 14.56
C GLN A 73 3.76 3.31 14.01
N HIS A 74 3.55 4.09 12.93
CA HIS A 74 4.59 4.87 12.26
C HIS A 74 3.96 6.00 11.46
N GLU A 75 4.74 7.07 11.20
CA GLU A 75 4.32 8.24 10.43
C GLU A 75 3.79 7.87 9.02
N HIS A 76 4.29 6.76 8.45
CA HIS A 76 3.90 6.29 7.12
C HIS A 76 3.16 4.96 7.06
N ILE A 77 2.46 4.62 8.16
CA ILE A 77 1.60 3.45 8.29
C ILE A 77 0.23 4.02 8.65
N VAL A 78 -0.82 3.62 7.89
CA VAL A 78 -2.20 4.08 8.14
C VAL A 78 -2.53 3.83 9.62
N LYS A 79 -2.88 4.90 10.36
CA LYS A 79 -3.18 4.83 11.79
C LYS A 79 -4.38 3.94 12.11
N PHE A 80 -4.16 2.96 12.99
CA PHE A 80 -5.21 2.06 13.51
C PHE A 80 -5.61 2.63 14.87
N TYR A 81 -6.87 3.05 15.01
CA TYR A 81 -7.39 3.66 16.24
C TYR A 81 -7.92 2.69 17.28
N GLY A 82 -8.46 1.57 16.82
CA GLY A 82 -9.01 0.56 17.72
C GLY A 82 -10.21 -0.17 17.16
N VAL A 83 -10.95 -0.87 18.04
CA VAL A 83 -12.10 -1.68 17.65
C VAL A 83 -13.37 -1.39 18.47
N CYS A 84 -14.51 -1.92 17.98
CA CYS A 84 -15.80 -1.92 18.67
C CYS A 84 -16.37 -3.30 18.44
N VAL A 85 -16.40 -4.12 19.52
CA VAL A 85 -16.89 -5.50 19.47
C VAL A 85 -18.23 -5.69 20.23
N GLU A 86 -18.98 -4.59 20.40
CA GLU A 86 -20.26 -4.56 21.12
C GLU A 86 -21.38 -5.36 20.44
N GLY A 87 -21.38 -5.40 19.10
CA GLY A 87 -22.40 -6.12 18.35
C GLY A 87 -21.94 -6.74 17.05
N ASP A 88 -22.90 -6.94 16.13
CA ASP A 88 -22.70 -7.53 14.81
C ASP A 88 -23.09 -6.47 13.76
N PRO A 89 -22.19 -6.05 12.83
CA PRO A 89 -20.81 -6.53 12.63
C PRO A 89 -19.78 -5.92 13.59
N LEU A 90 -18.60 -6.56 13.67
CA LEU A 90 -17.47 -6.07 14.48
C LEU A 90 -16.85 -4.91 13.70
N ILE A 91 -16.38 -3.88 14.42
CA ILE A 91 -15.86 -2.66 13.81
C ILE A 91 -14.37 -2.43 14.06
N MET A 92 -13.64 -2.01 13.00
CA MET A 92 -12.23 -1.64 13.04
C MET A 92 -12.17 -0.17 12.63
N VAL A 93 -11.49 0.67 13.42
CA VAL A 93 -11.42 2.11 13.19
C VAL A 93 -10.01 2.54 12.76
N PHE A 94 -9.93 3.18 11.59
CA PHE A 94 -8.67 3.68 11.01
C PHE A 94 -8.76 5.18 10.76
N GLU A 95 -7.60 5.84 10.57
CA GLU A 95 -7.61 7.26 10.25
C GLU A 95 -8.17 7.47 8.85
N TYR A 96 -8.80 8.62 8.63
CA TYR A 96 -9.38 8.97 7.35
C TYR A 96 -8.34 9.65 6.46
N MET A 97 -8.12 9.05 5.28
CA MET A 97 -7.19 9.53 4.27
C MET A 97 -8.04 10.08 3.12
N LYS A 98 -8.17 11.41 3.09
CA LYS A 98 -9.01 12.18 2.18
C LYS A 98 -8.89 11.83 0.71
N HIS A 99 -7.66 11.67 0.19
CA HIS A 99 -7.48 11.40 -1.24
C HIS A 99 -7.54 9.95 -1.72
N GLY A 100 -7.83 9.02 -0.81
CA GLY A 100 -8.01 7.61 -1.14
C GLY A 100 -6.79 6.83 -1.57
N ASP A 101 -7.02 5.69 -2.23
CA ASP A 101 -5.95 4.80 -2.67
C ASP A 101 -5.01 5.41 -3.70
N LEU A 102 -3.72 5.17 -3.50
CA LEU A 102 -2.64 5.70 -4.33
C LEU A 102 -2.74 5.32 -5.81
N ASN A 103 -3.21 4.10 -6.15
CA ASN A 103 -3.34 3.71 -7.55
C ASN A 103 -4.30 4.63 -8.30
N LYS A 104 -5.49 4.88 -7.70
CA LYS A 104 -6.51 5.77 -8.23
C LYS A 104 -5.95 7.20 -8.36
N PHE A 105 -5.19 7.65 -7.33
CA PHE A 105 -4.56 8.97 -7.28
C PHE A 105 -3.55 9.15 -8.42
N LEU A 106 -2.67 8.14 -8.66
CA LEU A 106 -1.66 8.18 -9.71
C LEU A 106 -2.32 8.31 -11.09
N ARG A 107 -3.37 7.50 -11.35
CA ARG A 107 -4.13 7.47 -12.59
C ARG A 107 -4.87 8.79 -12.84
N ALA A 108 -5.43 9.40 -11.77
CA ALA A 108 -6.14 10.68 -11.83
C ALA A 108 -5.20 11.86 -12.16
N HIS A 109 -3.87 11.68 -11.97
CA HIS A 109 -2.86 12.70 -12.27
C HIS A 109 -1.92 12.27 -13.41
N GLY A 110 -2.40 11.39 -14.28
CA GLY A 110 -1.67 10.91 -15.44
C GLY A 110 -1.86 11.77 -16.68
N PRO A 111 -0.98 11.67 -17.70
CA PRO A 111 -1.15 12.49 -18.92
C PRO A 111 -2.51 12.32 -19.61
N ASP A 112 -3.05 11.09 -19.63
CA ASP A 112 -4.36 10.77 -20.21
C ASP A 112 -5.48 11.48 -19.45
N ALA A 113 -5.38 11.52 -18.09
CA ALA A 113 -6.36 12.19 -17.24
C ALA A 113 -6.36 13.70 -17.46
N VAL A 114 -5.17 14.29 -17.77
CA VAL A 114 -5.00 15.72 -18.05
C VAL A 114 -5.70 16.06 -19.38
N LEU A 115 -5.48 15.23 -20.44
CA LEU A 115 -6.06 15.41 -21.77
C LEU A 115 -7.58 15.17 -21.80
N MET A 116 -8.03 13.98 -21.31
CA MET A 116 -9.44 13.56 -21.30
C MET A 116 -10.34 14.27 -20.27
N ALA A 117 -9.83 15.31 -19.59
CA ALA A 117 -10.55 16.07 -18.57
C ALA A 117 -11.69 16.91 -19.17
N ASN A 120 -12.16 21.84 -15.97
CA ASN A 120 -11.09 22.01 -14.99
C ASN A 120 -10.16 20.77 -15.00
N PRO A 121 -8.98 20.86 -15.66
CA PRO A 121 -8.10 19.68 -15.74
C PRO A 121 -7.24 19.44 -14.50
N PRO A 122 -6.89 18.17 -14.17
CA PRO A 122 -5.98 17.94 -13.05
C PRO A 122 -4.54 18.27 -13.45
N THR A 123 -3.65 18.40 -12.48
CA THR A 123 -2.24 18.66 -12.77
C THR A 123 -1.57 17.31 -13.02
N GLU A 124 -0.62 17.26 -13.96
CA GLU A 124 0.12 16.03 -14.25
C GLU A 124 1.10 15.84 -13.10
N LEU A 125 1.18 14.60 -12.57
CA LEU A 125 2.11 14.28 -11.47
C LEU A 125 3.55 14.52 -11.94
N THR A 126 4.29 15.36 -11.21
CA THR A 126 5.67 15.72 -11.57
C THR A 126 6.64 14.67 -11.03
N GLN A 127 7.89 14.66 -11.55
CA GLN A 127 8.96 13.77 -11.09
C GLN A 127 9.26 14.00 -9.61
N SER A 128 9.27 15.29 -9.15
CA SER A 128 9.49 15.68 -7.75
C SER A 128 8.42 15.08 -6.84
N GLN A 129 7.14 15.12 -7.30
CA GLN A 129 6.01 14.57 -6.57
C GLN A 129 6.07 13.03 -6.53
N MET A 130 6.56 12.41 -7.62
CA MET A 130 6.76 10.96 -7.70
C MET A 130 7.78 10.51 -6.67
N LEU A 131 8.92 11.24 -6.58
CA LEU A 131 9.99 10.95 -5.61
C LEU A 131 9.52 11.13 -4.18
N HIS A 132 8.66 12.14 -3.93
CA HIS A 132 8.09 12.41 -2.60
C HIS A 132 7.19 11.24 -2.17
N ILE A 133 6.36 10.72 -3.11
CA ILE A 133 5.49 9.57 -2.84
C ILE A 133 6.36 8.34 -2.52
N ALA A 134 7.38 8.10 -3.37
CA ALA A 134 8.32 6.98 -3.27
C ALA A 134 9.07 6.91 -1.94
N GLN A 135 9.68 8.03 -1.49
CA GLN A 135 10.43 8.06 -0.23
C GLN A 135 9.58 7.74 1.01
N GLN A 136 8.29 8.15 1.00
CA GLN A 136 7.35 7.91 2.09
C GLN A 136 7.00 6.42 2.22
N ILE A 137 6.80 5.74 1.07
CA ILE A 137 6.50 4.30 1.05
C ILE A 137 7.73 3.56 1.54
N ALA A 138 8.93 3.97 1.08
CA ALA A 138 10.20 3.37 1.50
C ALA A 138 10.41 3.54 3.01
N ALA A 139 10.00 4.70 3.59
CA ALA A 139 10.09 4.99 5.02
C ALA A 139 9.24 4.01 5.84
N GLY A 140 8.01 3.78 5.37
CA GLY A 140 7.06 2.86 6.00
C GLY A 140 7.57 1.44 5.95
N MET A 141 8.23 1.06 4.84
CA MET A 141 8.80 -0.28 4.66
C MET A 141 10.03 -0.51 5.55
N VAL A 142 10.82 0.55 5.81
CA VAL A 142 11.98 0.49 6.71
C VAL A 142 11.47 0.17 8.12
N TYR A 143 10.37 0.82 8.54
CA TYR A 143 9.72 0.59 9.82
C TYR A 143 9.26 -0.86 9.95
N LEU A 144 8.55 -1.38 8.93
CA LEU A 144 8.05 -2.76 8.93
C LEU A 144 9.19 -3.78 9.08
N ALA A 145 10.31 -3.57 8.37
CA ALA A 145 11.50 -4.43 8.45
C ALA A 145 12.10 -4.42 9.87
N SER A 146 12.11 -3.23 10.53
CA SER A 146 12.61 -3.07 11.90
C SER A 146 11.75 -3.84 12.90
N GLN A 147 10.46 -4.05 12.59
CA GLN A 147 9.50 -4.78 13.42
C GLN A 147 9.40 -6.25 13.01
N HIS A 148 10.27 -6.69 12.05
CA HIS A 148 10.32 -8.03 11.48
C HIS A 148 8.95 -8.46 10.93
N PHE A 149 8.23 -7.50 10.33
CA PHE A 149 6.92 -7.69 9.75
C PHE A 149 6.99 -7.72 8.23
N VAL A 150 6.40 -8.73 7.64
CA VAL A 150 6.40 -8.87 6.19
C VAL A 150 5.03 -8.50 5.67
N HIS A 151 4.96 -7.47 4.83
CA HIS A 151 3.67 -7.01 4.31
C HIS A 151 2.94 -8.03 3.42
N ARG A 152 3.65 -8.57 2.45
CA ARG A 152 3.14 -9.59 1.53
C ARG A 152 2.27 -9.07 0.39
N ASP A 153 1.81 -7.83 0.48
CA ASP A 153 0.96 -7.27 -0.58
C ASP A 153 1.18 -5.79 -0.85
N LEU A 154 2.44 -5.37 -0.90
CA LEU A 154 2.74 -3.99 -1.15
C LEU A 154 2.45 -3.71 -2.61
N ALA A 155 1.59 -2.71 -2.82
CA ALA A 155 1.18 -2.21 -4.12
C ALA A 155 0.51 -0.84 -3.91
N THR A 156 0.43 0.01 -4.94
CA THR A 156 -0.20 1.33 -4.79
C THR A 156 -1.68 1.28 -4.37
N ARG A 157 -2.40 0.20 -4.76
CA ARG A 157 -3.80 0.01 -4.38
C ARG A 157 -3.96 -0.16 -2.84
N ASN A 158 -2.88 -0.57 -2.13
CA ASN A 158 -2.85 -0.77 -0.68
C ASN A 158 -2.21 0.39 0.09
N CYS A 159 -1.94 1.51 -0.61
CA CYS A 159 -1.40 2.73 -0.02
C CYS A 159 -2.48 3.79 -0.10
N LEU A 160 -2.51 4.69 0.89
CA LEU A 160 -3.51 5.77 0.94
C LEU A 160 -2.84 7.15 0.91
N VAL A 161 -3.54 8.12 0.31
CA VAL A 161 -3.07 9.50 0.18
C VAL A 161 -3.92 10.43 1.05
N GLY A 162 -3.26 11.26 1.84
CA GLY A 162 -3.86 12.26 2.70
C GLY A 162 -3.58 13.66 2.17
N GLU A 163 -3.63 14.68 3.06
CA GLU A 163 -3.34 16.08 2.68
C GLU A 163 -1.83 16.32 2.56
N ASN A 164 -1.41 17.40 1.83
CA ASN A 164 -0.01 17.79 1.61
C ASN A 164 0.84 16.65 0.99
N LEU A 165 0.21 15.84 0.11
CA LEU A 165 0.80 14.67 -0.56
C LEU A 165 1.36 13.63 0.44
N LEU A 166 0.69 13.49 1.60
CA LEU A 166 1.08 12.54 2.65
C LEU A 166 0.64 11.15 2.20
N VAL A 167 1.59 10.21 2.16
CA VAL A 167 1.34 8.83 1.71
C VAL A 167 1.66 7.85 2.83
N LYS A 168 0.74 6.88 3.04
CA LYS A 168 0.88 5.86 4.08
C LYS A 168 0.56 4.47 3.55
N ILE A 169 1.25 3.46 4.08
CA ILE A 169 1.04 2.07 3.71
C ILE A 169 0.00 1.47 4.67
N GLY A 170 -0.80 0.55 4.14
CA GLY A 170 -1.83 -0.11 4.89
C GLY A 170 -2.15 -1.49 4.37
N ASP A 171 -3.20 -2.06 4.95
CA ASP A 171 -3.74 -3.38 4.61
C ASP A 171 -2.91 -4.57 5.03
N PHE A 172 -1.72 -4.69 4.50
CA PHE A 172 -0.84 -5.80 4.83
C PHE A 172 -1.39 -7.14 4.36
N GLY A 173 -2.34 -7.08 3.44
CA GLY A 173 -2.94 -8.28 2.88
C GLY A 173 -3.96 -8.96 3.76
N MET A 174 -4.28 -8.33 4.89
CA MET A 174 -5.25 -8.90 5.81
C MET A 174 -6.68 -8.88 5.26
N SER A 175 -7.28 -10.06 5.21
CA SER A 175 -8.65 -10.26 4.71
C SER A 175 -8.80 -9.87 3.24
N ARG A 176 -9.85 -9.11 2.93
CA ARG A 176 -10.12 -8.67 1.57
C ARG A 176 -11.22 -9.52 0.93
N TYR A 179 -11.10 -10.15 -4.62
CA TYR A 179 -9.80 -10.10 -5.27
C TYR A 179 -10.02 -9.74 -6.74
N SER A 180 -9.36 -8.68 -7.18
CA SER A 180 -9.49 -8.14 -8.50
C SER A 180 -8.55 -8.84 -9.49
N THR A 181 -8.38 -8.23 -10.64
CA THR A 181 -7.51 -8.73 -11.69
C THR A 181 -6.04 -8.71 -11.28
N ASP A 182 -5.73 -7.98 -10.23
CA ASP A 182 -4.37 -7.87 -9.70
C ASP A 182 -3.94 -9.11 -8.91
N TYR A 183 -4.84 -10.11 -8.80
CA TYR A 183 -4.59 -11.35 -8.06
C TYR A 183 -4.81 -12.57 -8.92
N TYR A 184 -3.99 -13.60 -8.71
CA TYR A 184 -4.03 -14.86 -9.45
C TYR A 184 -4.10 -16.01 -8.46
N ARG A 185 -4.89 -17.05 -8.80
CA ARG A 185 -5.06 -18.22 -7.96
C ARG A 185 -3.88 -19.19 -8.15
N VAL A 186 -2.76 -18.89 -7.46
CA VAL A 186 -1.51 -19.66 -7.51
C VAL A 186 -1.75 -21.11 -7.08
N GLY A 187 -1.41 -22.06 -7.96
CA GLY A 187 -1.59 -23.49 -7.74
C GLY A 187 -3.04 -23.91 -7.58
N GLY A 188 -3.95 -23.00 -7.95
CA GLY A 188 -5.39 -23.16 -7.81
C GLY A 188 -5.86 -23.15 -6.37
N HIS A 189 -5.07 -22.54 -5.46
CA HIS A 189 -5.37 -22.54 -4.03
C HIS A 189 -5.36 -21.19 -3.29
N THR A 190 -4.40 -20.29 -3.62
CA THR A 190 -4.28 -19.01 -2.92
C THR A 190 -4.26 -17.82 -3.89
N MET A 191 -5.11 -16.80 -3.62
CA MET A 191 -5.15 -15.58 -4.43
C MET A 191 -3.93 -14.73 -4.07
N LEU A 192 -2.99 -14.58 -5.02
CA LEU A 192 -1.75 -13.83 -4.77
C LEU A 192 -1.44 -12.76 -5.83
N PRO A 193 -0.81 -11.63 -5.43
CA PRO A 193 -0.52 -10.55 -6.40
C PRO A 193 0.75 -10.82 -7.23
N ILE A 194 0.68 -11.82 -8.13
CA ILE A 194 1.80 -12.26 -8.99
C ILE A 194 2.63 -11.17 -9.67
N ARG A 195 1.98 -10.13 -10.22
CA ARG A 195 2.66 -9.03 -10.92
C ARG A 195 3.60 -8.20 -10.02
N TRP A 196 3.39 -8.27 -8.69
CA TRP A 196 4.19 -7.57 -7.68
C TRP A 196 5.14 -8.52 -6.95
N MET A 197 5.13 -9.82 -7.31
CA MET A 197 5.88 -10.86 -6.63
C MET A 197 7.19 -11.35 -7.26
N PRO A 198 8.20 -11.69 -6.43
CA PRO A 198 9.45 -12.25 -6.97
C PRO A 198 9.31 -13.74 -7.32
N PRO A 199 10.33 -14.37 -7.98
CA PRO A 199 10.23 -15.81 -8.31
C PRO A 199 9.96 -16.75 -7.14
N GLU A 200 10.67 -16.58 -6.00
CA GLU A 200 10.52 -17.45 -4.83
C GLU A 200 9.15 -17.38 -4.14
N SER A 201 8.46 -16.23 -4.23
CA SER A 201 7.14 -16.06 -3.64
C SER A 201 6.09 -16.76 -4.51
N ILE A 202 6.24 -16.71 -5.85
CA ILE A 202 5.30 -17.36 -6.76
C ILE A 202 5.48 -18.89 -6.71
N MET A 203 6.72 -19.36 -6.89
CA MET A 203 7.10 -20.78 -6.97
C MET A 203 7.06 -21.54 -5.66
N TYR A 204 7.49 -20.93 -4.55
CA TYR A 204 7.59 -21.60 -3.24
C TYR A 204 6.77 -20.98 -2.11
N ARG A 205 6.06 -19.86 -2.40
CA ARG A 205 5.24 -19.14 -1.42
C ARG A 205 6.04 -18.66 -0.19
N LYS A 206 7.31 -18.28 -0.43
CA LYS A 206 8.23 -17.77 0.58
C LYS A 206 8.16 -16.25 0.57
N PHE A 207 7.57 -15.67 1.64
CA PHE A 207 7.42 -14.22 1.79
C PHE A 207 8.33 -13.72 2.88
N THR A 208 9.22 -12.78 2.52
CA THR A 208 10.23 -12.21 3.41
C THR A 208 10.35 -10.70 3.20
N THR A 209 11.26 -10.06 3.95
CA THR A 209 11.61 -8.63 3.81
C THR A 209 12.17 -8.42 2.38
N GLU A 210 12.85 -9.45 1.84
CA GLU A 210 13.44 -9.46 0.51
C GLU A 210 12.38 -9.52 -0.59
N SER A 211 11.27 -10.27 -0.38
CA SER A 211 10.17 -10.30 -1.34
C SER A 211 9.42 -8.95 -1.32
N ASP A 212 9.38 -8.29 -0.14
CA ASP A 212 8.78 -6.96 -0.01
C ASP A 212 9.62 -5.91 -0.77
N VAL A 213 10.96 -6.07 -0.79
CA VAL A 213 11.90 -5.22 -1.53
C VAL A 213 11.56 -5.30 -3.04
N TRP A 214 11.34 -6.53 -3.56
CA TRP A 214 10.97 -6.74 -4.97
C TRP A 214 9.67 -5.96 -5.25
N SER A 215 8.65 -6.14 -4.39
CA SER A 215 7.35 -5.46 -4.49
C SER A 215 7.53 -3.93 -4.45
N LEU A 216 8.46 -3.42 -3.62
CA LEU A 216 8.75 -1.97 -3.59
C LEU A 216 9.27 -1.48 -4.95
N GLY A 217 10.08 -2.29 -5.62
CA GLY A 217 10.58 -1.97 -6.95
C GLY A 217 9.45 -1.84 -7.95
N VAL A 218 8.47 -2.75 -7.86
CA VAL A 218 7.27 -2.74 -8.72
C VAL A 218 6.43 -1.48 -8.40
N VAL A 219 6.34 -1.10 -7.10
CA VAL A 219 5.63 0.11 -6.66
C VAL A 219 6.29 1.35 -7.29
N LEU A 220 7.64 1.39 -7.30
CA LEU A 220 8.38 2.50 -7.93
C LEU A 220 8.00 2.59 -9.41
N TRP A 221 7.89 1.44 -10.11
CA TRP A 221 7.48 1.35 -11.50
C TRP A 221 6.04 1.89 -11.65
N GLU A 222 5.13 1.50 -10.73
CA GLU A 222 3.74 1.98 -10.74
C GLU A 222 3.67 3.51 -10.64
N ILE A 223 4.47 4.09 -9.72
CA ILE A 223 4.52 5.54 -9.48
C ILE A 223 4.96 6.26 -10.75
N PHE A 224 6.11 5.86 -11.30
CA PHE A 224 6.69 6.47 -12.51
C PHE A 224 5.91 6.27 -13.81
N THR A 225 4.90 5.37 -13.82
CA THR A 225 4.02 5.12 -14.97
C THR A 225 2.59 5.64 -14.72
N TYR A 226 2.40 6.46 -13.67
CA TYR A 226 1.08 7.03 -13.31
C TYR A 226 0.01 5.96 -13.01
N GLY A 227 0.42 4.90 -12.30
CA GLY A 227 -0.47 3.84 -11.84
C GLY A 227 -0.83 2.74 -12.81
N LYS A 228 -0.05 2.58 -13.91
CA LYS A 228 -0.29 1.51 -14.89
C LYS A 228 -0.08 0.14 -14.24
N GLN A 229 -0.83 -0.87 -14.69
CA GLN A 229 -0.69 -2.23 -14.15
C GLN A 229 0.63 -2.83 -14.66
N PRO A 230 1.50 -3.34 -13.76
CA PRO A 230 2.78 -3.95 -14.21
C PRO A 230 2.51 -5.14 -15.12
N TRP A 231 3.30 -5.26 -16.20
CA TRP A 231 3.20 -6.32 -17.22
C TRP A 231 1.81 -6.30 -17.91
N TYR A 232 1.20 -5.10 -18.08
CA TYR A 232 -0.14 -4.92 -18.68
C TYR A 232 -0.34 -5.60 -20.03
N GLN A 233 0.74 -5.72 -20.81
CA GLN A 233 0.76 -6.35 -22.14
C GLN A 233 0.60 -7.88 -22.04
N LEU A 234 0.75 -8.45 -20.83
CA LEU A 234 0.75 -9.89 -20.60
C LEU A 234 -0.42 -10.50 -19.85
N SER A 235 -0.67 -11.77 -20.14
CA SER A 235 -1.65 -12.59 -19.44
C SER A 235 -0.94 -13.06 -18.16
N ASN A 236 -1.70 -13.58 -17.18
CA ASN A 236 -1.16 -14.08 -15.92
C ASN A 236 -0.07 -15.16 -16.07
N ASN A 237 -0.26 -16.11 -17.02
CA ASN A 237 0.72 -17.17 -17.27
C ASN A 237 2.04 -16.62 -17.84
N GLU A 238 1.94 -15.61 -18.73
CA GLU A 238 3.08 -14.93 -19.34
C GLU A 238 3.84 -14.13 -18.29
N VAL A 239 3.11 -13.51 -17.33
CA VAL A 239 3.67 -12.75 -16.21
C VAL A 239 4.61 -13.66 -15.40
N ILE A 240 4.12 -14.84 -14.98
CA ILE A 240 4.89 -15.81 -14.18
C ILE A 240 6.12 -16.27 -14.96
N GLU A 241 5.95 -16.54 -16.27
CA GLU A 241 7.05 -16.98 -17.14
C GLU A 241 8.16 -15.92 -17.19
N CYS A 242 7.79 -14.62 -17.38
CA CYS A 242 8.75 -13.50 -17.42
C CYS A 242 9.52 -13.34 -16.11
N ILE A 243 8.81 -13.36 -14.96
CA ILE A 243 9.39 -13.22 -13.62
C ILE A 243 10.39 -14.35 -13.32
N THR A 244 9.95 -15.61 -13.49
CA THR A 244 10.77 -16.79 -13.22
C THR A 244 11.97 -16.94 -14.17
N GLN A 245 11.83 -16.47 -15.42
CA GLN A 245 12.90 -16.53 -16.43
C GLN A 245 14.01 -15.52 -16.16
N GLY A 246 13.66 -14.38 -15.56
CA GLY A 246 14.61 -13.31 -15.28
C GLY A 246 14.42 -12.07 -16.14
N ARG A 247 13.23 -11.91 -16.74
CA ARG A 247 12.90 -10.72 -17.55
C ARG A 247 12.47 -9.59 -16.60
N VAL A 248 12.68 -8.33 -17.00
CA VAL A 248 12.34 -7.18 -16.15
C VAL A 248 11.36 -6.22 -16.82
N LEU A 249 10.66 -5.42 -15.99
CA LEU A 249 9.78 -4.37 -16.47
C LEU A 249 10.63 -3.31 -17.18
N GLN A 250 10.07 -2.67 -18.23
CA GLN A 250 10.76 -1.63 -19.00
C GLN A 250 10.92 -0.35 -18.18
N ARG A 251 11.92 0.47 -18.54
CA ARG A 251 12.15 1.73 -17.87
C ARG A 251 11.03 2.71 -18.22
N PRO A 252 10.29 3.24 -17.22
CA PRO A 252 9.23 4.22 -17.53
C PRO A 252 9.79 5.48 -18.21
N ARG A 253 8.99 6.09 -19.09
CA ARG A 253 9.34 7.29 -19.85
C ARG A 253 9.86 8.46 -18.98
N THR A 254 9.23 8.67 -17.82
CA THR A 254 9.55 9.75 -16.86
C THR A 254 10.55 9.34 -15.77
N CYS A 255 11.03 8.10 -15.79
CA CYS A 255 11.95 7.58 -14.78
C CYS A 255 13.42 7.92 -15.03
N PRO A 256 14.11 8.62 -14.09
CA PRO A 256 15.56 8.86 -14.27
C PRO A 256 16.32 7.55 -14.16
N GLN A 257 17.44 7.43 -14.88
CA GLN A 257 18.28 6.22 -14.91
C GLN A 257 18.67 5.73 -13.51
N GLU A 258 18.95 6.67 -12.58
CA GLU A 258 19.30 6.39 -11.19
C GLU A 258 18.18 5.61 -10.48
N VAL A 259 16.91 6.02 -10.71
CA VAL A 259 15.72 5.38 -10.12
C VAL A 259 15.46 4.01 -10.79
N TYR A 260 15.69 3.89 -12.11
CA TYR A 260 15.53 2.60 -12.80
C TYR A 260 16.55 1.58 -12.30
N GLU A 261 17.80 2.03 -12.03
CA GLU A 261 18.85 1.17 -11.51
C GLU A 261 18.54 0.71 -10.08
N LEU A 262 17.80 1.53 -9.33
CA LEU A 262 17.30 1.19 -8.00
C LEU A 262 16.25 0.07 -8.16
N MET A 263 15.35 0.19 -9.17
CA MET A 263 14.33 -0.83 -9.49
C MET A 263 15.01 -2.16 -9.83
N LEU A 264 16.06 -2.12 -10.69
CA LEU A 264 16.83 -3.33 -11.06
C LEU A 264 17.48 -3.99 -9.83
N GLY A 265 17.91 -3.17 -8.86
CA GLY A 265 18.47 -3.62 -7.59
C GLY A 265 17.45 -4.34 -6.73
N CYS A 266 16.15 -3.97 -6.88
CA CYS A 266 15.02 -4.60 -6.18
C CYS A 266 14.64 -5.90 -6.90
N TRP A 267 14.86 -5.95 -8.22
CA TRP A 267 14.45 -7.07 -9.06
C TRP A 267 15.50 -8.15 -9.34
N GLN A 268 16.44 -8.35 -8.40
CA GLN A 268 17.43 -9.41 -8.52
C GLN A 268 16.70 -10.73 -8.31
N ARG A 269 16.96 -11.72 -9.18
CA ARG A 269 16.28 -13.03 -9.16
C ARG A 269 16.35 -13.74 -7.81
N GLU A 270 17.54 -13.72 -7.18
CA GLU A 270 17.77 -14.35 -5.89
C GLU A 270 17.55 -13.32 -4.76
N PRO A 271 16.77 -13.68 -3.70
CA PRO A 271 16.50 -12.70 -2.61
C PRO A 271 17.71 -12.10 -1.91
N HIS A 272 18.77 -12.90 -1.71
CA HIS A 272 20.00 -12.43 -1.04
C HIS A 272 20.81 -11.42 -1.86
N MET A 273 20.49 -11.27 -3.15
CA MET A 273 21.16 -10.35 -4.07
C MET A 273 20.49 -8.97 -4.15
N ARG A 274 19.28 -8.84 -3.60
CA ARG A 274 18.51 -7.60 -3.64
C ARG A 274 19.06 -6.51 -2.73
N LYS A 275 18.82 -5.23 -3.11
CA LYS A 275 19.25 -4.07 -2.33
C LYS A 275 18.51 -4.01 -0.98
N ASN A 276 19.23 -3.61 0.07
CA ASN A 276 18.68 -3.50 1.43
C ASN A 276 17.69 -2.34 1.54
N ILE A 277 16.57 -2.54 2.28
CA ILE A 277 15.51 -1.55 2.46
C ILE A 277 16.01 -0.19 2.99
N LYS A 278 16.98 -0.19 3.93
CA LYS A 278 17.57 1.03 4.49
C LYS A 278 18.28 1.85 3.41
N GLY A 279 19.00 1.15 2.52
CA GLY A 279 19.71 1.73 1.40
C GLY A 279 18.80 2.35 0.36
N ILE A 280 17.67 1.66 0.06
CA ILE A 280 16.64 2.12 -0.89
C ILE A 280 16.03 3.42 -0.35
N HIS A 281 15.61 3.43 0.94
CA HIS A 281 15.02 4.61 1.56
C HIS A 281 15.98 5.81 1.57
N THR A 282 17.26 5.60 2.00
CA THR A 282 18.29 6.65 2.03
C THR A 282 18.47 7.31 0.64
N LEU A 283 18.52 6.48 -0.43
CA LEU A 283 18.65 6.98 -1.80
C LEU A 283 17.43 7.82 -2.22
N LEU A 284 16.20 7.30 -1.99
CA LEU A 284 14.96 8.01 -2.34
C LEU A 284 14.80 9.31 -1.55
N GLN A 285 15.16 9.30 -0.25
CA GLN A 285 15.13 10.45 0.65
C GLN A 285 16.02 11.57 0.10
N ASN A 286 17.26 11.23 -0.32
CA ASN A 286 18.22 12.17 -0.89
C ASN A 286 17.76 12.75 -2.24
N LEU A 287 17.17 11.90 -3.11
CA LEU A 287 16.64 12.35 -4.41
C LEU A 287 15.44 13.27 -4.24
N ALA A 288 14.56 12.96 -3.26
CA ALA A 288 13.37 13.77 -2.98
C ALA A 288 13.76 15.13 -2.37
N LYS A 289 14.78 15.15 -1.51
CA LYS A 289 15.30 16.38 -0.88
C LYS A 289 15.93 17.30 -1.93
N ALA A 290 16.62 16.71 -2.93
CA ALA A 290 17.26 17.44 -4.02
C ALA A 290 16.26 17.96 -5.05
N SER A 291 15.07 17.32 -5.15
CA SER A 291 14.00 17.71 -6.07
C SER A 291 12.70 17.85 -5.25
N PRO A 292 12.55 18.94 -4.43
CA PRO A 292 11.38 19.04 -3.55
C PRO A 292 10.06 19.40 -4.22
N VAL A 293 8.98 19.16 -3.48
CA VAL A 293 7.63 19.45 -3.95
C VAL A 293 7.24 20.86 -3.58
N TYR A 294 6.82 21.67 -4.55
CA TYR A 294 6.35 23.01 -4.26
C TYR A 294 5.19 23.49 -5.12
N LEU A 295 4.94 22.82 -6.22
CA LEU A 295 3.87 23.20 -7.11
C LEU A 295 2.47 22.85 -6.61
N ASP A 296 1.48 23.61 -7.04
CA ASP A 296 0.10 23.36 -6.67
C ASP A 296 -0.38 22.07 -7.36
N ILE A 297 -1.12 21.23 -6.61
CA ILE A 297 -1.66 19.96 -7.12
C ILE A 297 -3.17 20.04 -7.19
N LEU A 298 -3.72 19.90 -8.41
CA LEU A 298 -5.17 19.99 -8.66
C LEU A 298 -5.74 18.66 -9.12
N GLY A 299 -6.99 18.41 -8.77
CA GLY A 299 -7.72 17.19 -9.12
C GLY A 299 -8.65 17.35 -10.31
C22 LTI B . -4.78 0.72 2.89
C21 LTI B . -5.77 0.79 1.89
C23 LTI B . -5.17 0.61 4.24
C20 LTI B . -7.15 0.77 2.29
C5 LTI B . -9.88 4.71 3.46
C18 LTI B . -6.52 0.58 4.64
C19 LTI B . -7.54 0.65 3.65
C1 LTI B . -10.05 3.28 3.46
C4 LTI B . -10.35 5.20 2.23
C10 LTI B . -9.37 5.63 4.50
C7 LTI B . -10.88 7.08 0.67
C17 LTI B . -6.81 0.48 6.11
C16 LTI B . -7.58 -0.79 6.42
C15 LTI B . -9.06 -0.63 6.21
C14 LTI B . -9.40 -0.64 4.73
C13 LTI B . -9.01 0.64 3.97
N2 LTI B . -10.56 2.72 2.36
N12 LTI B . -8.69 5.04 5.52
N9 LTI B . -10.80 8.45 0.63
N6 LTI B . -10.41 6.55 1.85
O11 LTI B . -9.51 6.85 4.44
O8 LTI B . -11.34 6.43 -0.26
S3 LTI B . -10.89 3.90 1.23
S24 LTI B . -9.63 2.19 4.77
#